data_3ET0
#
_entry.id   3ET0
#
_cell.length_a   93.349
_cell.length_b   62.451
_cell.length_c   119.242
_cell.angle_alpha   90.00
_cell.angle_beta   101.73
_cell.angle_gamma   90.00
#
_symmetry.space_group_name_H-M   'C 1 2 1'
#
loop_
_entity.id
_entity.type
_entity.pdbx_description
1 polymer 'Peroxisome proliferator-activated receptor gamma'
2 non-polymer '3-(5-methoxy-1H-indol-3-yl)propanoic acid'
3 non-polymer alpha-D-glucopyranose
4 water water
#
_entity_poly.entity_id   1
_entity_poly.type   'polypeptide(L)'
_entity_poly.pdbx_seq_one_letter_code
;MGSSHHHHHHSSGLVPRGSHMESADLRALAKHLYDSYIKSFPLTKAKARAILTGKTTDKSPFVIYDMNSLMMGEDKIKFK
HITPLQEQSKEVAIRIFQG(CME)QFRSVEAVQEITEYAKSIPGFVNLDLNDQVTLLKYGVHEIIYTMLASLMNKDGVLI
SEGQGFMTREFLKSLRKPFGDFMEPKFEFAVKFNALELDDSDLAIFIAVIILSGDRPGLLNVKPIEDIQDNLLQALELQL
KLNHPESSQLFAKLLQKMTDLRQIVTEHVQLLQVIKKTETDMSLHPLLQEIYKDLY
;
_entity_poly.pdbx_strand_id   A,B
#
loop_
_chem_comp.id
_chem_comp.type
_chem_comp.name
_chem_comp.formula
ET0 non-polymer '3-(5-methoxy-1H-indol-3-yl)propanoic acid' 'C12 H13 N O3'
GLC D-saccharide, alpha linking alpha-D-glucopyranose 'C6 H12 O6'
#
# COMPACT_ATOMS: atom_id res chain seq x y z
N MET A 21 8.58 15.47 21.31
CA MET A 21 9.57 16.23 20.55
C MET A 21 8.98 17.52 20.01
N GLU A 22 9.72 18.63 20.19
CA GLU A 22 9.31 19.89 19.59
C GLU A 22 10.05 20.14 18.27
N SER A 23 9.61 21.17 17.55
CA SER A 23 10.17 21.45 16.24
C SER A 23 11.69 21.51 16.23
N ALA A 24 12.29 22.13 17.24
CA ALA A 24 13.74 22.25 17.27
C ALA A 24 14.41 20.87 17.26
N ASP A 25 13.75 19.90 17.90
CA ASP A 25 14.28 18.55 17.96
C ASP A 25 14.06 17.80 16.65
N LEU A 26 12.97 18.11 15.95
CA LEU A 26 12.66 17.49 14.65
C LEU A 26 13.55 18.04 13.53
N ARG A 27 13.89 19.32 13.60
CA ARG A 27 14.81 19.90 12.62
C ARG A 27 16.19 19.29 12.78
N ALA A 28 16.57 19.02 14.03
CA ALA A 28 17.87 18.46 14.32
C ALA A 28 17.92 17.01 13.85
N LEU A 29 16.83 16.29 14.13
CA LEU A 29 16.69 14.96 13.55
C LEU A 29 16.85 14.98 12.00
N ALA A 30 16.10 15.86 11.33
CA ALA A 30 16.13 15.93 9.85
C ALA A 30 17.54 16.23 9.36
N LYS A 31 18.19 17.18 10.01
CA LYS A 31 19.55 17.59 9.68
C LYS A 31 20.53 16.44 9.86
N HIS A 32 20.40 15.71 10.97
CA HIS A 32 21.23 14.54 11.20
C HIS A 32 21.14 13.52 10.07
N LEU A 33 19.92 13.20 9.68
CA LEU A 33 19.68 12.21 8.63
C LEU A 33 20.18 12.66 7.25
N TYR A 34 19.89 13.91 6.90
CA TYR A 34 20.41 14.44 5.65
C TYR A 34 21.92 14.21 5.58
N ASP A 35 22.60 14.62 6.65
CA ASP A 35 24.05 14.44 6.77
C ASP A 35 24.57 13.05 6.45
N SER A 36 24.00 12.05 7.10
CA SER A 36 24.46 10.67 6.87
C SER A 36 24.05 10.15 5.49
N TYR A 37 22.87 10.55 5.04
CA TYR A 37 22.44 10.22 3.67
C TYR A 37 23.58 10.63 2.74
N ILE A 38 24.06 11.87 2.88
CA ILE A 38 25.11 12.37 1.99
C ILE A 38 26.37 11.52 2.08
N LYS A 39 26.62 10.98 3.26
CA LYS A 39 27.85 10.25 3.48
C LYS A 39 27.73 8.78 3.04
N SER A 40 26.51 8.27 3.04
CA SER A 40 26.29 6.87 2.70
C SER A 40 26.08 6.65 1.20
N PHE A 41 25.61 7.68 0.48
CA PHE A 41 25.16 7.54 -0.94
C PHE A 41 25.90 8.45 -1.92
N PRO A 42 26.90 7.91 -2.63
CA PRO A 42 27.73 8.77 -3.49
C PRO A 42 26.96 9.49 -4.62
N LEU A 43 25.95 8.87 -5.22
CA LEU A 43 25.21 9.54 -6.28
C LEU A 43 23.83 10.01 -5.82
N THR A 44 23.74 11.28 -5.47
CA THR A 44 22.51 11.84 -4.92
C THR A 44 21.53 12.22 -6.02
N LYS A 45 20.33 12.61 -5.63
CA LYS A 45 19.34 13.07 -6.60
C LYS A 45 19.79 14.37 -7.25
N ALA A 46 20.41 15.23 -6.45
CA ALA A 46 20.98 16.49 -6.92
C ALA A 46 22.07 16.31 -7.97
N LYS A 47 23.03 15.39 -7.75
CA LYS A 47 24.03 15.12 -8.80
C LYS A 47 23.35 14.53 -10.04
N ALA A 48 22.40 13.63 -9.80
CA ALA A 48 21.70 12.93 -10.86
C ALA A 48 20.94 13.88 -11.79
N ARG A 49 20.30 14.90 -11.24
CA ARG A 49 19.53 15.83 -12.06
C ARG A 49 20.46 16.73 -12.85
N ALA A 50 21.55 17.12 -12.24
CA ALA A 50 22.49 18.01 -12.91
C ALA A 50 23.11 17.28 -14.12
N ILE A 51 23.26 15.97 -14.03
CA ILE A 51 23.79 15.19 -15.13
C ILE A 51 22.75 14.99 -16.23
N LEU A 52 21.52 14.73 -15.80
CA LEU A 52 20.39 14.47 -16.69
C LEU A 52 19.94 15.70 -17.51
N THR A 53 19.85 16.84 -16.86
CA THR A 53 19.31 18.02 -17.52
C THR A 53 20.37 18.80 -18.26
N GLY A 54 21.43 18.12 -18.68
CA GLY A 54 22.51 18.75 -19.42
C GLY A 54 22.99 20.04 -18.79
N LYS A 55 22.66 20.25 -17.51
CA LYS A 55 23.05 21.45 -16.78
C LYS A 55 24.54 21.45 -16.51
N THR A 56 25.31 20.81 -17.37
CA THR A 56 26.65 20.42 -16.95
C THR A 56 27.78 20.44 -17.96
N THR A 57 28.94 20.75 -17.39
CA THR A 57 30.21 20.33 -17.93
C THR A 57 30.61 19.11 -17.12
N ASP A 58 29.81 18.80 -16.10
CA ASP A 58 29.86 17.51 -15.40
C ASP A 58 29.77 16.45 -16.49
N LYS A 59 30.88 16.17 -17.17
CA LYS A 59 30.83 15.54 -18.49
C LYS A 59 29.65 14.58 -18.67
N SER A 60 28.78 14.91 -19.62
CA SER A 60 27.52 14.21 -19.87
C SER A 60 27.70 12.70 -19.91
N PRO A 61 26.57 11.96 -19.78
CA PRO A 61 26.66 10.50 -19.79
C PRO A 61 26.88 9.96 -21.19
N PHE A 62 27.57 8.83 -21.29
CA PHE A 62 27.55 8.07 -22.51
C PHE A 62 26.23 7.32 -22.60
N VAL A 63 25.62 7.30 -23.78
CA VAL A 63 24.25 6.84 -23.91
C VAL A 63 24.14 5.50 -24.64
N ILE A 64 23.64 4.49 -23.94
CA ILE A 64 23.48 3.15 -24.50
C ILE A 64 22.03 2.94 -24.89
N TYR A 65 21.80 2.49 -26.11
CA TYR A 65 20.45 2.36 -26.65
C TYR A 65 20.34 1.20 -27.63
N ASP A 66 21.44 0.46 -27.79
CA ASP A 66 21.46 -0.71 -28.66
C ASP A 66 22.73 -1.51 -28.38
N MET A 67 22.85 -2.63 -29.06
CA MET A 67 23.95 -3.56 -28.77
C MET A 67 25.32 -3.01 -29.13
N ASN A 68 25.38 -2.10 -30.10
CA ASN A 68 26.65 -1.47 -30.44
C ASN A 68 27.10 -0.46 -29.38
N SER A 69 26.26 0.55 -29.15
CA SER A 69 26.55 1.55 -28.12
C SER A 69 26.84 0.86 -26.79
N LEU A 70 26.22 -0.30 -26.58
CA LEU A 70 26.48 -1.09 -25.38
C LEU A 70 27.88 -1.66 -25.38
N MET A 71 28.21 -2.46 -26.38
CA MET A 71 29.55 -3.04 -26.48
C MET A 71 30.64 -1.95 -26.48
N MET A 72 30.36 -0.83 -27.12
CA MET A 72 31.32 0.27 -27.20
C MET A 72 31.39 1.06 -25.89
N GLY A 73 30.22 1.26 -25.29
CA GLY A 73 30.14 1.91 -24.00
C GLY A 73 30.88 1.11 -22.95
N GLU A 74 31.07 -0.18 -23.21
CA GLU A 74 31.79 -1.05 -22.29
C GLU A 74 33.27 -0.71 -22.25
N ASP A 75 33.60 0.54 -22.57
CA ASP A 75 34.95 1.04 -22.40
C ASP A 75 35.00 2.02 -21.23
N LYS A 76 34.08 1.86 -20.28
CA LYS A 76 34.01 2.72 -19.11
C LYS A 76 32.93 2.28 -18.12
N ILE A 77 32.62 0.99 -18.11
CA ILE A 77 31.70 0.43 -17.13
C ILE A 77 32.28 -0.83 -16.50
N LYS A 90 28.20 -13.95 -21.76
CA LYS A 90 26.92 -14.45 -22.26
C LYS A 90 26.24 -13.47 -23.20
N GLU A 91 24.92 -13.59 -23.32
CA GLU A 91 24.13 -12.71 -24.18
C GLU A 91 23.88 -11.35 -23.52
N VAL A 92 23.43 -10.39 -24.30
CA VAL A 92 23.27 -9.02 -23.82
C VAL A 92 22.22 -8.91 -22.71
N ALA A 93 21.06 -9.53 -22.92
CA ALA A 93 20.01 -9.51 -21.92
C ALA A 93 20.55 -9.93 -20.56
N ILE A 94 21.42 -10.93 -20.58
CA ILE A 94 21.96 -11.47 -19.34
C ILE A 94 23.01 -10.55 -18.74
N ARG A 95 23.92 -10.05 -19.56
CA ARG A 95 24.99 -9.15 -19.13
C ARG A 95 24.42 -7.90 -18.45
N ILE A 96 23.32 -7.37 -18.99
CA ILE A 96 22.64 -6.23 -18.40
C ILE A 96 22.03 -6.67 -17.07
N PHE A 97 21.35 -7.81 -17.09
CA PHE A 97 20.80 -8.37 -15.87
C PHE A 97 21.85 -8.50 -14.75
N GLN A 98 23.03 -9.00 -15.10
CA GLN A 98 24.09 -9.17 -14.12
C GLN A 98 24.51 -7.82 -13.57
N GLY A 99 24.66 -6.86 -14.49
CA GLY A 99 24.97 -5.48 -14.15
C GLY A 99 24.08 -4.91 -13.06
N CME A 100 22.77 -4.91 -13.30
CA CME A 100 21.81 -4.39 -12.31
CB CME A 100 20.38 -4.49 -12.85
SG CME A 100 20.18 -3.52 -14.37
SD CME A 100 20.30 -1.24 -13.82
CE CME A 100 19.75 -1.24 -12.09
CZ CME A 100 19.88 0.14 -11.49
OH CME A 100 20.89 0.79 -12.21
C CME A 100 21.87 -5.14 -11.00
O CME A 100 21.63 -4.57 -9.95
N GLN A 101 22.16 -6.43 -11.09
CA GLN A 101 22.28 -7.28 -9.91
C GLN A 101 23.44 -6.86 -9.02
N PHE A 102 24.60 -6.60 -9.62
CA PHE A 102 25.77 -6.15 -8.87
C PHE A 102 25.54 -4.76 -8.31
N ARG A 103 24.81 -3.95 -9.05
CA ARG A 103 24.46 -2.61 -8.61
C ARG A 103 23.50 -2.67 -7.40
N SER A 104 22.62 -3.66 -7.40
CA SER A 104 21.73 -3.87 -6.25
C SER A 104 22.51 -4.23 -5.00
N VAL A 105 23.54 -5.05 -5.17
CA VAL A 105 24.39 -5.47 -4.06
C VAL A 105 25.08 -4.28 -3.45
N GLU A 106 25.65 -3.44 -4.30
CA GLU A 106 26.32 -2.22 -3.85
C GLU A 106 25.34 -1.32 -3.11
N ALA A 107 24.11 -1.26 -3.61
CA ALA A 107 23.06 -0.46 -3.00
C ALA A 107 22.72 -0.98 -1.61
N VAL A 108 22.50 -2.28 -1.51
CA VAL A 108 22.21 -2.90 -0.20
C VAL A 108 23.23 -2.49 0.85
N GLN A 109 24.51 -2.57 0.49
CA GLN A 109 25.60 -2.11 1.35
C GLN A 109 25.51 -0.65 1.77
N GLU A 110 25.15 0.23 0.83
CA GLU A 110 25.02 1.65 1.15
C GLU A 110 23.85 1.87 2.08
N ILE A 111 22.70 1.35 1.68
CA ILE A 111 21.50 1.39 2.51
C ILE A 111 21.77 0.85 3.92
N THR A 112 22.67 -0.12 4.04
CA THR A 112 22.94 -0.63 5.38
C THR A 112 23.73 0.36 6.25
N GLU A 113 24.80 0.93 5.72
CA GLU A 113 25.51 2.02 6.39
C GLU A 113 24.54 3.11 6.83
N TYR A 114 23.64 3.49 5.94
CA TYR A 114 22.68 4.52 6.29
C TYR A 114 21.79 4.14 7.49
N ALA A 115 21.25 2.92 7.49
CA ALA A 115 20.34 2.52 8.56
C ALA A 115 21.00 2.59 9.95
N LYS A 116 22.23 2.11 10.04
CA LYS A 116 22.98 2.19 11.28
C LYS A 116 23.02 3.62 11.84
N SER A 117 22.97 4.63 10.97
CA SER A 117 23.01 6.01 11.45
C SER A 117 21.66 6.48 11.99
N ILE A 118 20.60 5.74 11.68
CA ILE A 118 19.28 6.12 12.13
C ILE A 118 19.18 6.01 13.66
N PRO A 119 18.89 7.13 14.34
CA PRO A 119 18.96 7.09 15.81
C PRO A 119 18.06 6.00 16.39
N GLY A 120 18.62 5.14 17.25
CA GLY A 120 17.87 4.07 17.86
C GLY A 120 17.96 2.75 17.12
N PHE A 121 18.38 2.78 15.86
CA PHE A 121 18.30 1.58 15.04
C PHE A 121 19.20 0.43 15.52
N VAL A 122 20.46 0.73 15.80
CA VAL A 122 21.41 -0.30 16.19
C VAL A 122 21.25 -0.71 17.66
N ASN A 123 20.29 -0.10 18.35
CA ASN A 123 20.00 -0.45 19.72
C ASN A 123 18.90 -1.50 19.79
N LEU A 124 18.23 -1.72 18.66
CA LEU A 124 17.17 -2.72 18.60
C LEU A 124 17.76 -4.12 18.56
N ASP A 125 16.96 -5.08 19.03
CA ASP A 125 17.25 -6.50 18.89
C ASP A 125 17.83 -6.78 17.50
N LEU A 126 18.90 -7.57 17.49
CA LEU A 126 19.66 -7.86 16.28
C LEU A 126 18.87 -8.58 15.20
N ASN A 127 18.05 -9.54 15.60
CA ASN A 127 17.22 -10.27 14.65
C ASN A 127 16.25 -9.33 13.95
N ASP A 128 15.87 -8.25 14.62
CA ASP A 128 14.93 -7.29 14.06
C ASP A 128 15.64 -6.31 13.13
N GLN A 129 16.81 -5.87 13.53
CA GLN A 129 17.65 -5.07 12.66
C GLN A 129 17.74 -5.76 11.31
N VAL A 130 17.91 -7.08 11.35
CA VAL A 130 17.97 -7.89 10.14
C VAL A 130 16.64 -7.91 9.38
N THR A 131 15.55 -8.14 10.11
CA THR A 131 14.22 -8.15 9.53
C THR A 131 13.88 -6.84 8.81
N LEU A 132 14.16 -5.71 9.44
CA LEU A 132 13.88 -4.41 8.83
C LEU A 132 14.68 -4.20 7.55
N LEU A 133 15.95 -4.60 7.58
CA LEU A 133 16.79 -4.50 6.41
C LEU A 133 16.30 -5.44 5.30
N LYS A 134 15.98 -6.66 5.68
CA LYS A 134 15.53 -7.67 4.74
C LYS A 134 14.35 -7.19 3.89
N TYR A 135 13.40 -6.51 4.52
CA TYR A 135 12.17 -6.07 3.85
C TYR A 135 12.26 -4.65 3.32
N GLY A 136 13.11 -3.85 3.96
CA GLY A 136 13.22 -2.45 3.62
C GLY A 136 14.09 -2.12 2.44
N VAL A 137 15.14 -2.90 2.20
CA VAL A 137 16.11 -2.53 1.18
C VAL A 137 15.53 -2.33 -0.22
N HIS A 138 14.77 -3.28 -0.73
CA HIS A 138 14.24 -3.12 -2.09
C HIS A 138 13.25 -1.97 -2.26
N GLU A 139 12.45 -1.71 -1.24
CA GLU A 139 11.55 -0.56 -1.30
C GLU A 139 12.37 0.72 -1.43
N ILE A 140 13.52 0.73 -0.75
CA ILE A 140 14.45 1.85 -0.78
C ILE A 140 15.12 1.98 -2.14
N ILE A 141 15.65 0.85 -2.63
CA ILE A 141 16.33 0.81 -3.90
C ILE A 141 15.50 1.41 -5.03
N TYR A 142 14.22 1.06 -5.08
CA TYR A 142 13.36 1.54 -6.15
C TYR A 142 12.97 2.99 -5.91
N THR A 143 12.95 3.40 -4.64
CA THR A 143 12.69 4.78 -4.29
C THR A 143 13.79 5.65 -4.83
N MET A 144 15.02 5.20 -4.63
CA MET A 144 16.19 5.98 -4.94
C MET A 144 16.53 5.88 -6.42
N LEU A 145 16.23 4.73 -7.01
CA LEU A 145 16.41 4.53 -8.44
C LEU A 145 15.61 5.57 -9.22
N ALA A 146 14.45 5.93 -8.69
CA ALA A 146 13.63 6.99 -9.28
C ALA A 146 14.44 8.26 -9.50
N SER A 147 15.36 8.51 -8.58
CA SER A 147 16.19 9.71 -8.62
C SER A 147 17.08 9.73 -9.86
N LEU A 148 17.27 8.58 -10.49
CA LEU A 148 18.22 8.43 -11.58
C LEU A 148 17.52 8.21 -12.92
N MET A 149 16.21 8.38 -12.92
CA MET A 149 15.40 8.11 -14.10
C MET A 149 14.67 9.35 -14.59
N ASN A 150 14.46 9.43 -15.90
CA ASN A 150 13.40 10.25 -16.45
C ASN A 150 12.52 9.34 -17.28
N LYS A 151 11.57 9.92 -18.00
CA LYS A 151 10.66 9.09 -18.79
C LYS A 151 11.39 8.27 -19.86
N ASP A 152 12.61 8.69 -20.22
CA ASP A 152 13.32 8.07 -21.35
C ASP A 152 14.41 7.08 -20.97
N GLY A 153 14.84 7.07 -19.70
CA GLY A 153 15.90 6.17 -19.29
C GLY A 153 16.52 6.38 -17.92
N VAL A 154 17.57 5.63 -17.65
CA VAL A 154 18.12 5.55 -16.31
C VAL A 154 19.64 5.69 -16.32
N LEU A 155 20.16 6.51 -15.40
CA LEU A 155 21.61 6.66 -15.22
C LEU A 155 22.24 5.38 -14.69
N ILE A 156 23.47 5.08 -15.09
CA ILE A 156 24.19 3.92 -14.58
C ILE A 156 25.67 4.23 -14.39
N SER A 157 26.41 3.21 -13.96
CA SER A 157 27.83 3.36 -13.60
C SER A 157 28.18 4.67 -12.90
N GLU A 158 27.52 4.94 -11.78
CA GLU A 158 27.76 6.15 -11.03
C GLU A 158 27.55 7.42 -11.85
N GLY A 159 26.63 7.38 -12.83
CA GLY A 159 26.33 8.53 -13.66
C GLY A 159 27.13 8.64 -14.96
N GLN A 160 28.14 7.79 -15.12
CA GLN A 160 28.98 7.83 -16.31
C GLN A 160 28.19 7.41 -17.56
N GLY A 161 27.12 6.65 -17.34
CA GLY A 161 26.34 6.11 -18.43
C GLY A 161 24.87 6.45 -18.29
N PHE A 162 24.09 6.13 -19.34
CA PHE A 162 22.65 6.35 -19.35
C PHE A 162 22.05 5.35 -20.32
N MET A 163 21.15 4.51 -19.82
CA MET A 163 20.58 3.43 -20.61
C MET A 163 19.11 3.71 -20.84
N THR A 164 18.68 3.72 -22.10
CA THR A 164 17.32 4.13 -22.45
C THR A 164 16.24 3.10 -22.11
N ARG A 165 15.02 3.60 -21.87
CA ARG A 165 13.87 2.79 -21.50
C ARG A 165 13.59 1.76 -22.58
N GLU A 166 13.64 2.19 -23.84
CA GLU A 166 13.31 1.34 -24.97
C GLU A 166 14.32 0.23 -25.19
N PHE A 167 15.60 0.50 -24.95
CA PHE A 167 16.59 -0.54 -25.13
C PHE A 167 16.28 -1.63 -24.13
N LEU A 168 15.88 -1.24 -22.93
CA LEU A 168 15.60 -2.17 -21.85
C LEU A 168 14.28 -2.89 -22.11
N LYS A 169 13.24 -2.12 -22.38
CA LYS A 169 11.92 -2.70 -22.65
C LYS A 169 12.01 -3.69 -23.82
N SER A 170 13.11 -3.64 -24.55
CA SER A 170 13.24 -4.43 -25.77
C SER A 170 13.97 -5.74 -25.52
N LEU A 171 14.66 -5.85 -24.39
CA LEU A 171 15.43 -7.05 -24.10
C LEU A 171 14.61 -8.32 -24.29
N ARG A 172 15.26 -9.41 -24.69
CA ARG A 172 14.55 -10.65 -24.96
C ARG A 172 13.63 -11.03 -23.79
N LYS A 173 12.53 -11.67 -24.16
CA LYS A 173 11.33 -11.79 -23.34
C LYS A 173 11.44 -11.41 -21.85
N PRO A 174 11.72 -12.39 -20.96
CA PRO A 174 11.60 -12.09 -19.53
C PRO A 174 12.36 -10.82 -19.08
N PHE A 175 13.58 -10.62 -19.57
CA PHE A 175 14.40 -9.48 -19.12
C PHE A 175 13.90 -8.12 -19.60
N GLY A 176 13.12 -8.11 -20.67
CA GLY A 176 12.59 -6.85 -21.18
C GLY A 176 11.55 -6.26 -20.24
N ASP A 177 11.14 -7.06 -19.26
CA ASP A 177 10.00 -6.71 -18.42
C ASP A 177 10.41 -6.24 -17.03
N PHE A 178 11.70 -6.37 -16.73
CA PHE A 178 12.19 -6.00 -15.40
C PHE A 178 12.03 -4.53 -15.07
N MET A 179 12.49 -3.66 -15.96
CA MET A 179 12.66 -2.26 -15.60
C MET A 179 11.41 -1.39 -15.76
N GLU A 180 10.51 -1.79 -16.67
CA GLU A 180 9.38 -0.96 -17.08
C GLU A 180 8.46 -0.48 -15.94
N PRO A 181 8.11 -1.38 -14.99
CA PRO A 181 7.30 -0.95 -13.84
C PRO A 181 8.03 0.11 -13.01
N LYS A 182 9.34 0.00 -12.90
CA LYS A 182 10.14 0.96 -12.13
C LYS A 182 10.01 2.33 -12.78
N PHE A 183 10.01 2.35 -14.12
CA PHE A 183 9.91 3.60 -14.84
C PHE A 183 8.58 4.28 -14.57
N GLU A 184 7.51 3.49 -14.60
CA GLU A 184 6.16 4.01 -14.40
C GLU A 184 6.01 4.59 -13.02
N PHE A 185 6.55 3.85 -12.04
CA PHE A 185 6.59 4.36 -10.67
C PHE A 185 7.43 5.63 -10.62
N ALA A 186 8.61 5.58 -11.23
CA ALA A 186 9.51 6.73 -11.12
C ALA A 186 8.87 7.98 -11.69
N VAL A 187 8.14 7.84 -12.80
CA VAL A 187 7.50 8.99 -13.43
C VAL A 187 6.46 9.63 -12.52
N LYS A 188 5.67 8.80 -11.84
CA LYS A 188 4.71 9.28 -10.86
C LYS A 188 5.40 9.79 -9.59
N PHE A 189 6.36 9.03 -9.06
CA PHE A 189 7.12 9.46 -7.88
C PHE A 189 7.87 10.78 -8.10
N ASN A 190 8.66 10.84 -9.16
CA ASN A 190 9.41 12.05 -9.47
C ASN A 190 8.54 13.29 -9.58
N ALA A 191 7.25 13.08 -9.84
CA ALA A 191 6.30 14.18 -9.94
C ALA A 191 6.14 14.89 -8.60
N LEU A 192 6.53 14.22 -7.53
CA LEU A 192 6.41 14.76 -6.19
C LEU A 192 7.42 15.87 -5.99
N GLU A 193 8.52 15.79 -6.74
CA GLU A 193 9.61 16.77 -6.66
C GLU A 193 10.31 16.75 -5.30
N LEU A 194 10.57 15.57 -4.77
CA LEU A 194 11.32 15.50 -3.52
C LEU A 194 12.78 15.84 -3.80
N ASP A 195 13.46 16.38 -2.80
CA ASP A 195 14.91 16.55 -2.91
C ASP A 195 15.57 15.61 -1.90
N ASP A 196 16.89 15.52 -1.92
CA ASP A 196 17.58 14.56 -1.09
C ASP A 196 17.25 14.72 0.40
N SER A 197 17.11 15.96 0.86
CA SER A 197 16.83 16.18 2.28
C SER A 197 15.44 15.64 2.67
N ASP A 198 14.51 15.60 1.72
CA ASP A 198 13.21 14.99 1.93
C ASP A 198 13.35 13.48 1.93
N LEU A 199 14.20 12.97 1.04
CA LEU A 199 14.29 11.53 0.84
C LEU A 199 15.02 10.83 2.00
N ALA A 200 16.01 11.51 2.60
CA ALA A 200 16.75 10.96 3.74
C ALA A 200 15.79 10.53 4.84
N ILE A 201 14.83 11.40 5.17
CA ILE A 201 13.82 11.09 6.17
C ILE A 201 12.83 10.02 5.72
N PHE A 202 12.39 10.08 4.46
CA PHE A 202 11.39 9.15 3.97
C PHE A 202 11.91 7.72 3.91
N ILE A 203 13.17 7.60 3.54
CA ILE A 203 13.86 6.31 3.50
C ILE A 203 14.05 5.72 4.90
N ALA A 204 14.18 6.58 5.91
CA ALA A 204 14.35 6.11 7.28
C ALA A 204 13.02 5.55 7.76
N VAL A 205 11.96 6.29 7.49
CA VAL A 205 10.59 5.81 7.76
C VAL A 205 10.33 4.44 7.15
N ILE A 206 10.81 4.21 5.93
CA ILE A 206 10.59 2.92 5.24
C ILE A 206 11.28 1.77 5.97
N ILE A 207 12.51 2.03 6.41
CA ILE A 207 13.25 1.02 7.16
C ILE A 207 12.61 0.65 8.50
N LEU A 208 12.11 1.65 9.23
CA LEU A 208 11.58 1.40 10.56
C LEU A 208 10.09 1.09 10.50
N SER A 209 9.74 0.00 9.80
CA SER A 209 8.35 -0.40 9.64
C SER A 209 7.96 -1.46 10.67
N GLY A 210 6.99 -1.15 11.52
CA GLY A 210 6.55 -2.10 12.53
C GLY A 210 5.81 -3.32 12.02
N ASP A 211 5.35 -3.27 10.78
CA ASP A 211 4.51 -4.34 10.26
C ASP A 211 5.27 -5.39 9.46
N ARG A 212 6.59 -5.40 9.57
CA ARG A 212 7.36 -6.43 8.89
C ARG A 212 7.12 -7.78 9.54
N PRO A 213 7.07 -8.85 8.72
CA PRO A 213 6.78 -10.19 9.26
C PRO A 213 7.96 -10.74 10.05
N GLY A 214 7.65 -11.40 11.17
CA GLY A 214 8.67 -12.04 11.99
C GLY A 214 9.32 -11.13 13.01
N LEU A 215 8.92 -9.86 13.05
CA LEU A 215 9.47 -8.90 14.00
C LEU A 215 9.22 -9.34 15.45
N LEU A 216 10.26 -9.31 16.28
CA LEU A 216 10.15 -9.80 17.64
C LEU A 216 9.58 -8.77 18.61
N ASN A 217 9.89 -7.50 18.36
CA ASN A 217 9.64 -6.45 19.33
C ASN A 217 9.15 -5.19 18.61
N VAL A 218 7.84 -5.14 18.35
CA VAL A 218 7.28 -4.14 17.44
C VAL A 218 7.26 -2.72 18.01
N LYS A 219 6.99 -2.60 19.31
CA LYS A 219 6.83 -1.29 19.94
C LYS A 219 8.05 -0.32 19.81
N PRO A 220 9.27 -0.78 20.13
CA PRO A 220 10.45 0.10 20.05
C PRO A 220 10.66 0.62 18.63
N ILE A 221 10.25 -0.19 17.67
CA ILE A 221 10.34 0.13 16.26
C ILE A 221 9.34 1.21 15.85
N GLU A 222 8.12 1.13 16.39
CA GLU A 222 7.09 2.12 16.12
C GLU A 222 7.33 3.46 16.81
N ASP A 223 8.05 3.45 17.93
CA ASP A 223 8.33 4.69 18.64
C ASP A 223 9.31 5.53 17.84
N ILE A 224 10.25 4.85 17.21
CA ILE A 224 11.20 5.51 16.32
C ILE A 224 10.48 6.06 15.09
N GLN A 225 9.70 5.21 14.43
CA GLN A 225 9.05 5.62 13.20
C GLN A 225 8.20 6.84 13.49
N ASP A 226 7.55 6.83 14.65
CA ASP A 226 6.67 7.92 15.04
C ASP A 226 7.42 9.25 15.05
N ASN A 227 8.63 9.24 15.60
CA ASN A 227 9.51 10.39 15.51
C ASN A 227 9.89 10.73 14.06
N LEU A 228 10.26 9.71 13.29
CA LEU A 228 10.63 9.93 11.89
C LEU A 228 9.48 10.56 11.11
N LEU A 229 8.26 10.10 11.38
CA LEU A 229 7.08 10.64 10.74
C LEU A 229 6.80 12.09 11.13
N GLN A 230 6.88 12.36 12.43
CA GLN A 230 6.79 13.73 12.90
C GLN A 230 7.80 14.62 12.18
N ALA A 231 9.00 14.09 12.02
CA ALA A 231 10.11 14.82 11.40
C ALA A 231 9.86 15.08 9.92
N LEU A 232 9.31 14.07 9.24
CA LEU A 232 9.04 14.16 7.81
C LEU A 232 7.92 15.15 7.61
N GLU A 233 6.87 15.02 8.39
CA GLU A 233 5.75 15.96 8.34
C GLU A 233 6.24 17.40 8.38
N LEU A 234 7.13 17.71 9.32
CA LEU A 234 7.65 19.06 9.44
C LEU A 234 8.58 19.46 8.29
N GLN A 235 9.41 18.53 7.86
CA GLN A 235 10.32 18.77 6.74
C GLN A 235 9.55 19.15 5.46
N LEU A 236 8.47 18.42 5.18
CA LEU A 236 7.70 18.65 3.97
C LEU A 236 6.91 19.97 4.02
N LYS A 237 6.34 20.28 5.17
CA LYS A 237 5.63 21.54 5.34
C LYS A 237 6.58 22.72 5.19
N LEU A 238 7.80 22.56 5.68
CA LEU A 238 8.80 23.62 5.60
C LEU A 238 9.48 23.72 4.22
N ASN A 239 9.83 22.58 3.64
CA ASN A 239 10.54 22.57 2.36
C ASN A 239 9.61 22.79 1.17
N HIS A 240 8.36 22.34 1.31
CA HIS A 240 7.38 22.45 0.23
C HIS A 240 6.10 23.10 0.70
N PRO A 241 6.20 24.33 1.23
CA PRO A 241 5.07 24.98 1.91
C PRO A 241 3.84 25.06 1.02
N GLU A 242 4.04 25.13 -0.30
CA GLU A 242 2.92 25.29 -1.22
C GLU A 242 2.27 23.97 -1.62
N SER A 243 2.98 22.86 -1.45
CA SER A 243 2.54 21.53 -1.89
C SER A 243 1.62 20.83 -0.87
N SER A 244 0.31 21.04 -1.02
CA SER A 244 -0.68 20.57 -0.06
C SER A 244 -0.81 19.05 0.01
N GLN A 245 -0.80 18.51 1.24
CA GLN A 245 -0.94 17.07 1.48
C GLN A 245 0.15 16.24 0.82
N LEU A 246 1.31 16.85 0.62
CA LEU A 246 2.46 16.13 0.09
C LEU A 246 2.77 14.92 0.97
N PHE A 247 2.74 15.14 2.28
CA PHE A 247 2.95 14.10 3.30
C PHE A 247 2.05 12.88 3.05
N ALA A 248 0.74 13.10 3.09
CA ALA A 248 -0.23 12.07 2.75
C ALA A 248 0.05 11.44 1.39
N LYS A 249 0.36 12.27 0.39
CA LYS A 249 0.58 11.72 -0.95
C LYS A 249 1.80 10.82 -0.92
N LEU A 250 2.85 11.30 -0.27
CA LEU A 250 4.06 10.52 -0.08
C LEU A 250 3.82 9.15 0.58
N LEU A 251 3.11 9.12 1.71
CA LEU A 251 2.87 7.86 2.39
C LEU A 251 2.05 6.90 1.53
N GLN A 252 1.12 7.44 0.76
CA GLN A 252 0.39 6.61 -0.18
C GLN A 252 1.34 5.94 -1.18
N LYS A 253 2.45 6.58 -1.52
CA LYS A 253 3.40 5.99 -2.48
C LYS A 253 3.94 4.64 -2.01
N MET A 254 3.91 4.41 -0.69
CA MET A 254 4.42 3.17 -0.13
C MET A 254 3.68 1.94 -0.68
N THR A 255 2.46 2.16 -1.16
CA THR A 255 1.66 1.09 -1.75
C THR A 255 2.22 0.64 -3.08
N ASP A 256 2.66 1.59 -3.90
CA ASP A 256 3.18 1.27 -5.21
C ASP A 256 4.50 0.49 -5.11
N LEU A 257 5.21 0.72 -4.01
CA LEU A 257 6.51 0.10 -3.79
C LEU A 257 6.40 -1.40 -3.53
N ARG A 258 5.45 -1.79 -2.69
CA ARG A 258 5.33 -3.20 -2.34
C ARG A 258 4.95 -4.06 -3.54
N GLN A 259 4.24 -3.46 -4.49
CA GLN A 259 3.81 -4.19 -5.67
C GLN A 259 4.99 -4.39 -6.62
N ILE A 260 5.80 -3.35 -6.78
CA ILE A 260 7.03 -3.47 -7.56
C ILE A 260 7.87 -4.63 -7.06
N VAL A 261 8.03 -4.71 -5.74
CA VAL A 261 8.71 -5.83 -5.11
C VAL A 261 8.10 -7.18 -5.51
N THR A 262 6.78 -7.29 -5.37
CA THR A 262 6.07 -8.51 -5.71
C THR A 262 6.33 -9.00 -7.13
N GLU A 263 6.08 -8.14 -8.13
CA GLU A 263 6.29 -8.51 -9.52
C GLU A 263 7.72 -8.95 -9.78
N HIS A 264 8.64 -8.23 -9.15
CA HIS A 264 10.07 -8.48 -9.33
C HIS A 264 10.45 -9.89 -8.85
N VAL A 265 9.97 -10.26 -7.67
CA VAL A 265 10.21 -11.58 -7.12
C VAL A 265 9.66 -12.67 -8.05
N GLN A 266 8.49 -12.42 -8.63
CA GLN A 266 7.92 -13.37 -9.57
C GLN A 266 8.78 -13.53 -10.81
N LEU A 267 9.40 -12.45 -11.27
CA LEU A 267 10.26 -12.56 -12.45
C LEU A 267 11.49 -13.42 -12.16
N LEU A 268 12.11 -13.18 -11.01
CA LEU A 268 13.25 -13.96 -10.57
C LEU A 268 12.90 -15.45 -10.48
N GLN A 269 11.73 -15.72 -9.90
CA GLN A 269 11.19 -17.07 -9.85
C GLN A 269 11.38 -17.73 -11.21
N VAL A 270 11.04 -16.98 -12.26
CA VAL A 270 11.08 -17.50 -13.62
C VAL A 270 12.49 -17.76 -14.12
N ILE A 271 13.41 -16.84 -13.84
CA ILE A 271 14.79 -16.97 -14.29
C ILE A 271 15.46 -18.20 -13.65
N LYS A 272 15.36 -18.29 -12.33
CA LYS A 272 15.91 -19.41 -11.57
C LYS A 272 15.57 -20.75 -12.20
N LYS A 273 14.43 -20.80 -12.87
CA LYS A 273 13.95 -22.04 -13.47
C LYS A 273 14.30 -22.16 -14.95
N THR A 274 14.53 -21.04 -15.62
CA THR A 274 14.84 -21.06 -17.04
C THR A 274 16.34 -20.98 -17.33
N GLU A 275 17.07 -20.32 -16.43
CA GLU A 275 18.49 -20.07 -16.63
C GLU A 275 19.26 -20.71 -15.51
N THR A 276 19.38 -22.03 -15.57
CA THR A 276 19.94 -22.80 -14.45
C THR A 276 21.45 -22.63 -14.30
N ASP A 277 22.07 -21.99 -15.29
CA ASP A 277 23.50 -21.74 -15.29
C ASP A 277 23.84 -20.38 -14.67
N MET A 278 22.81 -19.60 -14.36
CA MET A 278 22.96 -18.31 -13.69
C MET A 278 22.59 -18.43 -12.22
N SER A 279 23.09 -17.52 -11.39
CA SER A 279 22.63 -17.46 -10.01
C SER A 279 22.73 -16.06 -9.38
N LEU A 280 21.90 -15.83 -8.37
CA LEU A 280 21.92 -14.59 -7.59
C LEU A 280 23.16 -14.46 -6.71
N HIS A 281 23.52 -13.21 -6.42
CA HIS A 281 24.55 -12.92 -5.43
C HIS A 281 23.98 -13.35 -4.09
N PRO A 282 24.78 -14.02 -3.27
CA PRO A 282 24.31 -14.59 -2.01
C PRO A 282 23.61 -13.57 -1.10
N LEU A 283 24.11 -12.35 -1.07
CA LEU A 283 23.47 -11.31 -0.27
C LEU A 283 22.02 -11.13 -0.72
N LEU A 284 21.81 -11.11 -2.03
CA LEU A 284 20.49 -10.95 -2.62
C LEU A 284 19.63 -12.22 -2.45
N GLN A 285 20.27 -13.37 -2.54
CA GLN A 285 19.60 -14.63 -2.22
C GLN A 285 19.03 -14.62 -0.79
N GLU A 286 19.82 -14.14 0.16
CA GLU A 286 19.38 -14.10 1.54
C GLU A 286 18.22 -13.13 1.74
N ILE A 287 18.26 -12.00 1.04
CA ILE A 287 17.18 -11.03 1.14
C ILE A 287 15.87 -11.62 0.62
N TYR A 288 15.94 -12.27 -0.54
CA TYR A 288 14.76 -12.84 -1.19
C TYR A 288 14.24 -14.14 -0.55
N LYS A 289 15.10 -14.84 0.20
CA LYS A 289 14.74 -16.13 0.79
C LYS A 289 13.58 -16.03 1.79
N ASP A 290 12.52 -16.76 1.52
CA ASP A 290 11.35 -16.79 2.41
C ASP A 290 10.75 -15.39 2.61
N LEU A 291 10.90 -14.56 1.59
CA LEU A 291 10.37 -13.20 1.59
C LEU A 291 8.91 -13.24 1.13
N TYR A 292 7.99 -12.80 1.99
CA TYR A 292 6.56 -12.81 1.68
C TYR A 292 6.07 -14.17 1.19
N MET B 21 -8.13 25.13 3.05
CA MET B 21 -9.41 25.30 3.72
C MET B 21 -9.18 25.65 5.18
N GLU B 22 -10.21 26.24 5.82
CA GLU B 22 -10.09 26.65 7.20
C GLU B 22 -10.70 25.65 8.19
N SER B 23 -10.38 25.83 9.47
CA SER B 23 -10.74 24.86 10.51
C SER B 23 -12.22 24.54 10.54
N ALA B 24 -13.06 25.57 10.47
CA ALA B 24 -14.51 25.38 10.56
C ALA B 24 -15.11 24.82 9.27
N ASP B 25 -14.50 25.15 8.14
CA ASP B 25 -14.96 24.60 6.88
C ASP B 25 -14.66 23.10 6.83
N LEU B 26 -13.58 22.70 7.50
CA LEU B 26 -13.21 21.30 7.58
C LEU B 26 -14.13 20.53 8.51
N ARG B 27 -14.42 21.10 9.68
CA ARG B 27 -15.37 20.52 10.63
C ARG B 27 -16.75 20.41 10.00
N ALA B 28 -17.16 21.42 9.26
CA ALA B 28 -18.44 21.40 8.56
C ALA B 28 -18.48 20.19 7.62
N LEU B 29 -17.38 19.98 6.91
CA LEU B 29 -17.27 18.88 5.96
C LEU B 29 -17.29 17.51 6.68
N ALA B 30 -16.56 17.41 7.78
CA ALA B 30 -16.54 16.21 8.60
C ALA B 30 -17.93 15.86 9.13
N LYS B 31 -18.64 16.88 9.61
CA LYS B 31 -20.01 16.73 10.07
C LYS B 31 -20.93 16.25 8.93
N HIS B 32 -20.72 16.80 7.73
CA HIS B 32 -21.54 16.46 6.57
C HIS B 32 -21.44 14.98 6.22
N LEU B 33 -20.21 14.52 6.06
CA LEU B 33 -19.93 13.12 5.76
C LEU B 33 -20.50 12.15 6.81
N TYR B 34 -20.27 12.45 8.08
CA TYR B 34 -20.74 11.57 9.15
C TYR B 34 -22.25 11.39 9.12
N ASP B 35 -22.95 12.50 8.96
CA ASP B 35 -24.41 12.46 8.85
C ASP B 35 -24.92 11.63 7.69
N SER B 36 -24.24 11.65 6.55
CA SER B 36 -24.69 10.85 5.41
C SER B 36 -24.26 9.39 5.57
N TYR B 37 -23.05 9.19 6.09
CA TYR B 37 -22.60 7.87 6.50
C TYR B 37 -23.64 7.21 7.42
N ILE B 38 -24.21 7.98 8.33
CA ILE B 38 -25.27 7.43 9.15
C ILE B 38 -26.52 7.05 8.33
N LYS B 39 -26.89 7.88 7.34
CA LYS B 39 -28.00 7.54 6.45
C LYS B 39 -27.73 6.29 5.62
N SER B 40 -26.52 6.20 5.07
CA SER B 40 -26.21 5.21 4.05
C SER B 40 -25.91 3.82 4.60
N PHE B 41 -25.33 3.75 5.79
CA PHE B 41 -24.97 2.46 6.36
C PHE B 41 -25.77 2.13 7.62
N PRO B 42 -26.66 1.13 7.53
CA PRO B 42 -27.61 0.78 8.58
C PRO B 42 -26.93 0.31 9.87
N LEU B 43 -25.97 -0.61 9.74
CA LEU B 43 -25.28 -1.16 10.90
C LEU B 43 -23.92 -0.48 11.16
N THR B 44 -23.90 0.53 12.03
CA THR B 44 -22.69 1.32 12.24
C THR B 44 -21.69 0.63 13.15
N LYS B 45 -20.48 1.16 13.25
CA LYS B 45 -19.49 0.59 14.17
C LYS B 45 -20.02 0.63 15.59
N ALA B 46 -20.53 1.78 16.01
CA ALA B 46 -21.11 1.93 17.34
C ALA B 46 -22.10 0.82 17.63
N LYS B 47 -23.05 0.63 16.72
CA LYS B 47 -24.09 -0.39 16.89
C LYS B 47 -23.49 -1.78 17.04
N ALA B 48 -22.45 -2.07 16.26
CA ALA B 48 -21.81 -3.39 16.26
C ALA B 48 -20.96 -3.63 17.50
N ARG B 49 -20.32 -2.58 18.03
CA ARG B 49 -19.51 -2.75 19.22
C ARG B 49 -20.45 -3.03 20.40
N ALA B 50 -21.66 -2.49 20.35
CA ALA B 50 -22.66 -2.79 21.38
C ALA B 50 -22.96 -4.29 21.38
N ILE B 51 -23.46 -4.78 20.24
CA ILE B 51 -23.79 -6.18 20.05
C ILE B 51 -22.65 -7.12 20.40
N LEU B 52 -21.42 -6.76 20.05
CA LEU B 52 -20.28 -7.63 20.27
C LEU B 52 -19.84 -7.71 21.74
N THR B 53 -20.04 -6.63 22.48
CA THR B 53 -19.55 -6.57 23.86
C THR B 53 -20.56 -7.20 24.82
N GLY B 54 -21.84 -6.93 24.61
CA GLY B 54 -22.88 -7.44 25.48
C GLY B 54 -23.68 -6.30 26.08
N LYS B 55 -23.15 -5.09 25.92
CA LYS B 55 -23.81 -3.89 26.40
C LYS B 55 -25.05 -3.63 25.56
N THR B 56 -25.97 -4.57 25.54
CA THR B 56 -27.16 -4.45 24.70
C THR B 56 -28.46 -4.88 25.38
N THR B 57 -29.50 -4.08 25.18
CA THR B 57 -30.85 -4.49 25.50
C THR B 57 -31.27 -5.50 24.44
N ASP B 58 -30.92 -5.19 23.19
CA ASP B 58 -31.13 -6.09 22.06
C ASP B 58 -30.63 -7.48 22.42
N LYS B 59 -31.43 -8.50 22.10
CA LYS B 59 -31.02 -9.87 22.37
C LYS B 59 -29.76 -10.18 21.60
N SER B 60 -28.83 -10.87 22.25
CA SER B 60 -27.60 -11.30 21.59
C SER B 60 -27.95 -12.03 20.28
N PRO B 61 -27.05 -12.00 19.30
CA PRO B 61 -27.33 -12.61 18.00
C PRO B 61 -27.19 -14.12 18.10
N PHE B 62 -27.76 -14.85 17.15
CA PHE B 62 -27.57 -16.28 17.08
C PHE B 62 -26.11 -16.56 16.72
N VAL B 63 -25.49 -17.53 17.40
CA VAL B 63 -24.09 -17.86 17.14
C VAL B 63 -23.92 -19.07 16.23
N ILE B 64 -22.92 -19.03 15.37
CA ILE B 64 -22.68 -20.14 14.47
C ILE B 64 -21.25 -20.62 14.66
N TYR B 65 -21.11 -21.77 15.30
CA TYR B 65 -19.78 -22.25 15.69
C TYR B 65 -19.48 -23.62 15.12
N ASP B 66 -20.51 -24.26 14.55
CA ASP B 66 -20.33 -25.59 13.96
C ASP B 66 -21.43 -25.92 12.97
N MET B 67 -21.31 -27.08 12.32
CA MET B 67 -22.23 -27.45 11.25
C MET B 67 -23.69 -27.52 11.70
N ASN B 68 -23.90 -27.95 12.95
CA ASN B 68 -25.26 -28.12 13.48
C ASN B 68 -25.97 -26.82 13.84
N SER B 69 -25.21 -25.87 14.38
CA SER B 69 -25.79 -24.57 14.70
C SER B 69 -26.06 -23.74 13.42
N LEU B 70 -25.25 -23.93 12.38
CA LEU B 70 -25.54 -23.32 11.08
C LEU B 70 -26.93 -23.74 10.57
N MET B 71 -27.15 -25.06 10.55
CA MET B 71 -28.39 -25.62 10.05
C MET B 71 -29.58 -25.02 10.79
N MET B 72 -29.44 -24.88 12.10
CA MET B 72 -30.50 -24.34 12.92
C MET B 72 -30.68 -22.84 12.70
N GLY B 73 -29.57 -22.13 12.60
CA GLY B 73 -29.62 -20.69 12.53
C GLY B 73 -30.28 -20.15 11.28
N GLU B 74 -30.56 -21.04 10.33
CA GLU B 74 -31.10 -20.63 9.04
C GLU B 74 -32.58 -20.29 9.10
N ASP B 75 -32.99 -19.64 10.19
CA ASP B 75 -34.38 -19.21 10.35
C ASP B 75 -34.44 -17.71 10.53
N LYS B 76 -33.58 -16.99 9.80
CA LYS B 76 -33.54 -15.54 9.86
C LYS B 76 -32.38 -15.00 9.01
N ILE B 77 -31.77 -15.89 8.23
CA ILE B 77 -30.65 -15.51 7.37
C ILE B 77 -30.80 -16.05 5.94
N LYS B 90 -26.45 -27.35 -2.66
CA LYS B 90 -24.99 -27.53 -2.68
C LYS B 90 -24.43 -27.72 -1.28
N GLU B 91 -23.11 -27.90 -1.19
CA GLU B 91 -22.47 -28.12 0.09
C GLU B 91 -22.47 -26.83 0.91
N VAL B 92 -22.04 -26.94 2.17
CA VAL B 92 -22.11 -25.82 3.08
C VAL B 92 -20.96 -24.82 2.88
N ALA B 93 -19.74 -25.33 2.71
CA ALA B 93 -18.59 -24.45 2.54
C ALA B 93 -18.86 -23.46 1.42
N ILE B 94 -19.54 -23.95 0.38
CA ILE B 94 -19.81 -23.15 -0.80
C ILE B 94 -20.95 -22.17 -0.59
N ARG B 95 -22.04 -22.65 0.02
CA ARG B 95 -23.20 -21.79 0.25
C ARG B 95 -22.86 -20.60 1.13
N ILE B 96 -21.88 -20.80 2.00
CA ILE B 96 -21.40 -19.73 2.87
C ILE B 96 -20.71 -18.64 2.03
N PHE B 97 -19.78 -19.03 1.18
CA PHE B 97 -19.12 -18.02 0.35
C PHE B 97 -20.13 -17.20 -0.46
N GLN B 98 -21.09 -17.88 -1.07
CA GLN B 98 -22.10 -17.19 -1.87
C GLN B 98 -22.87 -16.17 -1.03
N GLY B 99 -23.08 -16.48 0.24
CA GLY B 99 -23.78 -15.57 1.13
C GLY B 99 -22.97 -14.32 1.43
N CME B 100 -21.66 -14.43 1.31
CA CME B 100 -20.78 -13.28 1.53
CB CME B 100 -19.43 -13.76 2.05
SG CME B 100 -17.98 -12.71 1.73
SD CME B 100 -17.87 -10.93 3.23
CE CME B 100 -18.37 -9.49 2.25
CZ CME B 100 -19.49 -8.75 2.96
OH CME B 100 -19.25 -7.39 2.83
C CME B 100 -20.65 -12.46 0.24
O CME B 100 -20.38 -11.27 0.31
N GLN B 101 -20.82 -13.08 -0.91
CA GLN B 101 -20.76 -12.34 -2.17
C GLN B 101 -22.07 -11.55 -2.33
N PHE B 102 -23.18 -12.20 -2.03
CA PHE B 102 -24.47 -11.51 -1.89
C PHE B 102 -24.36 -10.26 -1.05
N ARG B 103 -23.76 -10.39 0.13
CA ARG B 103 -23.64 -9.26 1.04
C ARG B 103 -22.76 -8.17 0.43
N SER B 104 -21.69 -8.58 -0.25
CA SER B 104 -20.84 -7.63 -0.99
C SER B 104 -21.69 -6.79 -1.95
N VAL B 105 -22.47 -7.47 -2.79
CA VAL B 105 -23.38 -6.80 -3.71
C VAL B 105 -24.30 -5.81 -3.02
N GLU B 106 -24.84 -6.19 -1.87
CA GLU B 106 -25.65 -5.24 -1.08
C GLU B 106 -24.84 -4.02 -0.63
N ALA B 107 -23.64 -4.27 -0.12
CA ALA B 107 -22.82 -3.18 0.40
C ALA B 107 -22.35 -2.26 -0.75
N VAL B 108 -22.16 -2.82 -1.95
CA VAL B 108 -21.82 -1.97 -3.12
C VAL B 108 -22.80 -0.81 -3.22
N GLN B 109 -24.09 -1.09 -3.09
CA GLN B 109 -25.06 -0.02 -3.24
C GLN B 109 -25.19 0.92 -2.04
N GLU B 110 -24.75 0.50 -0.87
CA GLU B 110 -24.68 1.45 0.24
C GLU B 110 -23.54 2.45 0.02
N ILE B 111 -22.38 1.92 -0.34
CA ILE B 111 -21.22 2.73 -0.66
C ILE B 111 -21.54 3.73 -1.78
N THR B 112 -22.29 3.25 -2.77
CA THR B 112 -22.66 4.05 -3.92
C THR B 112 -23.54 5.22 -3.55
N GLU B 113 -24.54 5.00 -2.69
CA GLU B 113 -25.34 6.12 -2.23
C GLU B 113 -24.51 7.09 -1.39
N TYR B 114 -23.61 6.54 -0.57
CA TYR B 114 -22.74 7.40 0.23
C TYR B 114 -21.81 8.27 -0.63
N ALA B 115 -21.19 7.69 -1.66
CA ALA B 115 -20.26 8.43 -2.51
C ALA B 115 -20.91 9.67 -3.14
N LYS B 116 -22.20 9.56 -3.47
CA LYS B 116 -22.92 10.67 -4.07
C LYS B 116 -23.06 11.90 -3.13
N SER B 117 -23.02 11.66 -1.82
CA SER B 117 -23.08 12.77 -0.87
C SER B 117 -21.73 13.49 -0.74
N ILE B 118 -20.63 12.80 -1.05
CA ILE B 118 -19.33 13.43 -0.98
C ILE B 118 -19.28 14.61 -1.95
N PRO B 119 -19.05 15.84 -1.42
CA PRO B 119 -19.10 17.08 -2.21
C PRO B 119 -18.17 17.05 -3.40
N GLY B 120 -18.69 17.32 -4.59
CA GLY B 120 -17.88 17.34 -5.79
C GLY B 120 -18.05 16.07 -6.59
N PHE B 121 -18.35 14.98 -5.91
CA PHE B 121 -18.38 13.68 -6.56
C PHE B 121 -19.32 13.60 -7.78
N VAL B 122 -20.56 14.05 -7.61
CA VAL B 122 -21.53 13.89 -8.69
C VAL B 122 -21.19 14.80 -9.87
N ASN B 123 -20.43 15.86 -9.61
CA ASN B 123 -20.05 16.80 -10.64
C ASN B 123 -18.86 16.32 -11.46
N LEU B 124 -18.33 15.16 -11.11
CA LEU B 124 -17.27 14.56 -11.91
C LEU B 124 -17.86 13.90 -13.15
N ASP B 125 -17.04 13.80 -14.18
CA ASP B 125 -17.34 13.00 -15.37
C ASP B 125 -17.95 11.64 -14.99
N LEU B 126 -19.08 11.31 -15.61
CA LEU B 126 -19.79 10.07 -15.29
C LEU B 126 -18.96 8.79 -15.34
N ASN B 127 -18.09 8.69 -16.34
CA ASN B 127 -17.18 7.54 -16.46
C ASN B 127 -16.20 7.49 -15.29
N ASP B 128 -15.82 8.66 -14.80
CA ASP B 128 -14.87 8.73 -13.72
C ASP B 128 -15.54 8.30 -12.41
N GLN B 129 -16.75 8.78 -12.15
CA GLN B 129 -17.58 8.25 -11.04
C GLN B 129 -17.60 6.72 -11.06
N VAL B 130 -17.95 6.14 -12.20
CA VAL B 130 -18.07 4.69 -12.31
C VAL B 130 -16.75 4.02 -12.01
N THR B 131 -15.68 4.58 -12.56
CA THR B 131 -14.33 4.05 -12.36
C THR B 131 -13.88 4.10 -10.89
N LEU B 132 -14.15 5.21 -10.23
CA LEU B 132 -13.82 5.35 -8.82
C LEU B 132 -14.55 4.31 -7.98
N LEU B 133 -15.84 4.15 -8.21
CA LEU B 133 -16.60 3.15 -7.46
C LEU B 133 -16.13 1.77 -7.81
N LYS B 134 -15.93 1.53 -9.10
CA LYS B 134 -15.49 0.23 -9.55
C LYS B 134 -14.32 -0.29 -8.72
N TYR B 135 -13.32 0.57 -8.51
CA TYR B 135 -12.04 0.13 -7.97
C TYR B 135 -11.90 0.39 -6.46
N GLY B 136 -12.86 1.09 -5.88
CA GLY B 136 -12.77 1.48 -4.48
C GLY B 136 -13.66 0.67 -3.56
N VAL B 137 -14.69 0.05 -4.11
CA VAL B 137 -15.68 -0.67 -3.31
C VAL B 137 -15.08 -1.79 -2.48
N HIS B 138 -14.15 -2.56 -3.04
CA HIS B 138 -13.55 -3.65 -2.28
C HIS B 138 -12.79 -3.17 -1.05
N GLU B 139 -12.00 -2.12 -1.18
CA GLU B 139 -11.24 -1.57 -0.06
C GLU B 139 -12.18 -1.10 1.03
N ILE B 140 -13.26 -0.45 0.64
CA ILE B 140 -14.23 0.08 1.57
C ILE B 140 -14.99 -1.06 2.25
N ILE B 141 -15.31 -2.08 1.47
CA ILE B 141 -15.96 -3.27 2.01
C ILE B 141 -15.17 -3.92 3.15
N TYR B 142 -13.87 -4.14 2.94
CA TYR B 142 -13.01 -4.77 3.93
C TYR B 142 -12.74 -3.85 5.11
N THR B 143 -12.65 -2.57 4.81
CA THR B 143 -12.51 -1.55 5.83
C THR B 143 -13.72 -1.64 6.77
N MET B 144 -14.91 -1.71 6.19
CA MET B 144 -16.12 -1.63 7.00
C MET B 144 -16.47 -2.95 7.71
N LEU B 145 -16.03 -4.06 7.14
CA LEU B 145 -16.17 -5.37 7.74
C LEU B 145 -15.39 -5.44 9.08
N ALA B 146 -14.19 -4.86 9.14
CA ALA B 146 -13.46 -4.78 10.42
C ALA B 146 -14.33 -4.23 11.53
N SER B 147 -15.25 -3.36 11.17
CA SER B 147 -16.20 -2.82 12.13
C SER B 147 -17.15 -3.89 12.65
N LEU B 148 -17.33 -4.97 11.89
CA LEU B 148 -18.26 -6.04 12.30
C LEU B 148 -17.52 -7.27 12.85
N MET B 149 -16.21 -7.12 13.09
CA MET B 149 -15.37 -8.24 13.50
C MET B 149 -14.63 -8.02 14.81
N ASN B 150 -14.33 -9.12 15.49
CA ASN B 150 -13.27 -9.16 16.49
C ASN B 150 -12.44 -10.42 16.26
N LYS B 151 -11.47 -10.66 17.13
CA LYS B 151 -10.56 -11.77 16.95
C LYS B 151 -11.29 -13.10 16.84
N ASP B 152 -12.53 -13.15 17.30
CA ASP B 152 -13.27 -14.40 17.45
C ASP B 152 -14.27 -14.69 16.34
N GLY B 153 -14.70 -13.66 15.62
CA GLY B 153 -15.63 -13.87 14.53
C GLY B 153 -16.27 -12.60 13.99
N VAL B 154 -17.37 -12.77 13.26
CA VAL B 154 -17.96 -11.67 12.53
C VAL B 154 -19.48 -11.70 12.59
N LEU B 155 -20.07 -10.52 12.76
CA LEU B 155 -21.52 -10.37 12.72
C LEU B 155 -22.02 -10.58 11.30
N ILE B 156 -23.19 -11.17 11.16
CA ILE B 156 -23.80 -11.35 9.85
C ILE B 156 -25.28 -11.01 9.91
N SER B 157 -25.96 -11.05 8.78
CA SER B 157 -27.38 -10.70 8.70
C SER B 157 -27.72 -9.45 9.49
N GLU B 158 -27.05 -8.35 9.19
CA GLU B 158 -27.33 -7.08 9.86
C GLU B 158 -27.23 -7.22 11.37
N GLY B 159 -26.31 -8.09 11.81
CA GLY B 159 -26.04 -8.26 13.23
C GLY B 159 -26.94 -9.23 13.98
N GLN B 160 -27.79 -9.95 13.25
CA GLN B 160 -28.66 -10.95 13.85
C GLN B 160 -27.89 -12.23 14.16
N GLY B 161 -26.75 -12.39 13.50
CA GLY B 161 -25.94 -13.58 13.70
C GLY B 161 -24.50 -13.22 13.99
N PHE B 162 -23.74 -14.20 14.46
CA PHE B 162 -22.32 -14.04 14.67
C PHE B 162 -21.67 -15.34 14.22
N MET B 163 -20.78 -15.26 13.23
CA MET B 163 -20.10 -16.45 12.77
C MET B 163 -18.69 -16.47 13.30
N THR B 164 -18.28 -17.60 13.84
CA THR B 164 -17.02 -17.65 14.56
C THR B 164 -15.87 -17.82 13.62
N ARG B 165 -14.73 -17.23 14.00
CA ARG B 165 -13.51 -17.35 13.22
C ARG B 165 -13.17 -18.82 13.02
N GLU B 166 -13.27 -19.60 14.09
CA GLU B 166 -12.89 -21.01 14.03
C GLU B 166 -13.79 -21.81 13.11
N PHE B 167 -15.07 -21.49 13.12
CA PHE B 167 -16.00 -22.23 12.28
C PHE B 167 -15.71 -21.98 10.80
N LEU B 168 -15.41 -20.73 10.45
CA LEU B 168 -15.00 -20.39 9.09
C LEU B 168 -13.72 -21.12 8.70
N LYS B 169 -12.74 -21.09 9.61
CA LYS B 169 -11.44 -21.71 9.37
C LYS B 169 -11.58 -23.21 9.14
N SER B 170 -12.57 -23.82 9.80
CA SER B 170 -12.80 -25.26 9.69
C SER B 170 -13.32 -25.70 8.32
N LEU B 171 -13.61 -24.74 7.45
CA LEU B 171 -14.16 -25.05 6.13
C LEU B 171 -13.11 -25.66 5.20
N ARG B 172 -13.56 -26.60 4.38
CA ARG B 172 -12.63 -27.43 3.60
C ARG B 172 -11.63 -26.63 2.78
N LYS B 173 -10.43 -27.20 2.65
CA LYS B 173 -9.24 -26.54 2.08
C LYS B 173 -9.45 -25.16 1.46
N PRO B 174 -10.05 -25.09 0.26
CA PRO B 174 -10.09 -23.81 -0.46
C PRO B 174 -10.76 -22.71 0.37
N PHE B 175 -11.91 -23.05 0.95
CA PHE B 175 -12.75 -22.07 1.63
C PHE B 175 -12.32 -21.75 3.07
N GLY B 176 -11.57 -22.65 3.69
CA GLY B 176 -11.12 -22.45 5.06
C GLY B 176 -10.15 -21.29 5.21
N ASP B 177 -9.84 -20.62 4.10
CA ASP B 177 -8.87 -19.54 4.08
C ASP B 177 -9.49 -18.19 3.81
N PHE B 178 -10.63 -18.20 3.13
CA PHE B 178 -11.25 -16.98 2.63
C PHE B 178 -11.11 -15.82 3.61
N MET B 179 -11.69 -15.98 4.79
CA MET B 179 -11.90 -14.85 5.69
C MET B 179 -10.74 -14.53 6.61
N GLU B 180 -9.89 -15.52 6.89
CA GLU B 180 -8.77 -15.35 7.81
C GLU B 180 -7.92 -14.09 7.61
N PRO B 181 -7.53 -13.81 6.34
CA PRO B 181 -6.77 -12.59 6.02
C PRO B 181 -7.53 -11.32 6.39
N LYS B 182 -8.85 -11.35 6.21
CA LYS B 182 -9.70 -10.23 6.65
C LYS B 182 -9.73 -10.11 8.17
N PHE B 183 -9.61 -11.24 8.88
CA PHE B 183 -9.60 -11.22 10.35
C PHE B 183 -8.30 -10.63 10.87
N GLU B 184 -7.19 -10.99 10.24
CA GLU B 184 -5.86 -10.54 10.65
C GLU B 184 -5.75 -9.05 10.47
N PHE B 185 -6.22 -8.58 9.32
CA PHE B 185 -6.25 -7.15 9.06
C PHE B 185 -7.15 -6.44 10.07
N ALA B 186 -8.36 -6.97 10.26
CA ALA B 186 -9.34 -6.37 11.16
C ALA B 186 -8.80 -6.18 12.59
N VAL B 187 -8.08 -7.18 13.09
CA VAL B 187 -7.48 -7.08 14.42
C VAL B 187 -6.45 -5.96 14.49
N LYS B 188 -5.56 -5.91 13.51
CA LYS B 188 -4.63 -4.80 13.42
C LYS B 188 -5.39 -3.46 13.27
N PHE B 189 -6.31 -3.39 12.31
CA PHE B 189 -7.05 -2.15 12.03
C PHE B 189 -7.87 -1.64 13.21
N ASN B 190 -8.53 -2.57 13.91
CA ASN B 190 -9.36 -2.19 15.04
C ASN B 190 -8.59 -1.62 16.23
N ALA B 191 -7.31 -1.97 16.33
CA ALA B 191 -6.43 -1.44 17.37
C ALA B 191 -6.30 0.08 17.35
N LEU B 192 -6.57 0.69 16.19
CA LEU B 192 -6.51 2.14 16.05
C LEU B 192 -7.68 2.77 16.78
N GLU B 193 -8.73 1.98 16.98
CA GLU B 193 -9.89 2.42 17.75
C GLU B 193 -10.58 3.61 17.11
N LEU B 194 -10.76 3.57 15.80
CA LEU B 194 -11.52 4.60 15.10
C LEU B 194 -12.99 4.47 15.42
N ASP B 195 -13.69 5.60 15.43
CA ASP B 195 -15.15 5.56 15.46
C ASP B 195 -15.74 5.94 14.09
N ASP B 196 -17.06 5.97 14.01
CA ASP B 196 -17.76 6.22 12.74
C ASP B 196 -17.47 7.58 12.11
N SER B 197 -17.36 8.61 12.94
CA SER B 197 -17.12 9.93 12.44
C SER B 197 -15.73 10.01 11.80
N ASP B 198 -14.81 9.15 12.24
CA ASP B 198 -13.47 9.04 11.67
C ASP B 198 -13.52 8.26 10.36
N LEU B 199 -14.30 7.18 10.36
CA LEU B 199 -14.37 6.28 9.23
C LEU B 199 -15.10 6.92 8.03
N ALA B 200 -16.17 7.67 8.32
CA ALA B 200 -16.90 8.41 7.30
C ALA B 200 -15.94 9.14 6.37
N ILE B 201 -14.99 9.87 6.94
CA ILE B 201 -14.01 10.64 6.15
C ILE B 201 -12.98 9.74 5.49
N PHE B 202 -12.46 8.77 6.22
CA PHE B 202 -11.50 7.83 5.66
C PHE B 202 -12.07 7.11 4.43
N ILE B 203 -13.33 6.72 4.52
CA ILE B 203 -13.97 6.03 3.40
C ILE B 203 -14.10 6.96 2.16
N ALA B 204 -14.50 8.20 2.39
CA ALA B 204 -14.53 9.18 1.31
C ALA B 204 -13.15 9.40 0.65
N VAL B 205 -12.08 9.35 1.45
CA VAL B 205 -10.71 9.46 0.93
C VAL B 205 -10.35 8.31 0.00
N ILE B 206 -10.75 7.09 0.37
CA ILE B 206 -10.48 5.91 -0.46
C ILE B 206 -11.18 6.06 -1.80
N ILE B 207 -12.38 6.63 -1.79
CA ILE B 207 -13.16 6.69 -3.01
C ILE B 207 -12.49 7.59 -4.04
N LEU B 208 -12.00 8.75 -3.59
CA LEU B 208 -11.35 9.70 -4.46
C LEU B 208 -9.86 9.44 -4.60
N SER B 209 -9.49 8.25 -5.05
CA SER B 209 -8.08 7.96 -5.32
C SER B 209 -7.81 8.26 -6.79
N GLY B 210 -6.89 9.19 -7.03
CA GLY B 210 -6.65 9.66 -8.38
C GLY B 210 -5.72 8.78 -9.20
N ASP B 211 -5.34 7.64 -8.64
CA ASP B 211 -4.51 6.68 -9.36
C ASP B 211 -5.26 5.43 -9.85
N ARG B 212 -6.60 5.47 -9.87
CA ARG B 212 -7.37 4.37 -10.44
C ARG B 212 -7.18 4.32 -11.95
N PRO B 213 -7.08 3.11 -12.52
CA PRO B 213 -6.91 2.93 -13.96
C PRO B 213 -8.03 3.55 -14.79
N GLY B 214 -7.66 4.28 -15.83
CA GLY B 214 -8.60 4.75 -16.84
C GLY B 214 -9.33 6.03 -16.49
N LEU B 215 -8.87 6.76 -15.48
CA LEU B 215 -9.54 8.02 -15.15
C LEU B 215 -9.33 9.03 -16.29
N LEU B 216 -10.32 9.90 -16.51
CA LEU B 216 -10.24 10.84 -17.63
C LEU B 216 -9.79 12.24 -17.18
N ASN B 217 -10.23 12.65 -15.99
CA ASN B 217 -9.85 13.94 -15.46
C ASN B 217 -9.44 13.86 -13.98
N VAL B 218 -8.18 13.46 -13.76
CA VAL B 218 -7.61 13.32 -12.42
C VAL B 218 -7.62 14.61 -11.59
N LYS B 219 -7.44 15.75 -12.24
CA LYS B 219 -7.38 17.03 -11.55
C LYS B 219 -8.40 17.16 -10.40
N PRO B 220 -9.71 17.17 -10.70
CA PRO B 220 -10.73 17.50 -9.71
C PRO B 220 -10.86 16.41 -8.64
N ILE B 221 -10.50 15.19 -9.00
CA ILE B 221 -10.57 14.05 -8.09
C ILE B 221 -9.57 14.25 -6.94
N GLU B 222 -8.34 14.53 -7.31
CA GLU B 222 -7.29 14.78 -6.34
C GLU B 222 -7.51 16.09 -5.59
N ASP B 223 -8.16 17.04 -6.26
CA ASP B 223 -8.56 18.27 -5.58
C ASP B 223 -9.47 17.96 -4.40
N ILE B 224 -10.47 17.12 -4.65
CA ILE B 224 -11.43 16.74 -3.62
C ILE B 224 -10.75 15.90 -2.55
N GLN B 225 -9.75 15.12 -2.93
CA GLN B 225 -9.09 14.23 -1.97
C GLN B 225 -8.25 15.05 -0.99
N ASP B 226 -7.74 16.19 -1.44
CA ASP B 226 -6.93 17.06 -0.58
C ASP B 226 -7.78 17.70 0.50
N ASN B 227 -9.01 18.07 0.14
CA ASN B 227 -9.92 18.64 1.11
C ASN B 227 -10.40 17.55 2.07
N LEU B 228 -10.58 16.33 1.57
CA LEU B 228 -10.95 15.21 2.42
C LEU B 228 -9.83 14.90 3.40
N LEU B 229 -8.61 14.88 2.91
CA LEU B 229 -7.44 14.61 3.75
C LEU B 229 -7.24 15.68 4.82
N GLN B 230 -7.40 16.95 4.46
CA GLN B 230 -7.33 18.02 5.44
C GLN B 230 -8.36 17.80 6.54
N ALA B 231 -9.57 17.41 6.14
CA ALA B 231 -10.64 17.23 7.11
C ALA B 231 -10.35 16.05 8.03
N LEU B 232 -9.89 14.96 7.44
CA LEU B 232 -9.56 13.76 8.22
C LEU B 232 -8.44 14.09 9.21
N GLU B 233 -7.41 14.77 8.72
CA GLU B 233 -6.24 15.10 9.51
C GLU B 233 -6.67 15.83 10.78
N LEU B 234 -7.52 16.83 10.60
CA LEU B 234 -8.04 17.66 11.69
C LEU B 234 -8.97 16.86 12.61
N GLN B 235 -9.72 15.93 12.04
CA GLN B 235 -10.66 15.11 12.79
C GLN B 235 -9.96 14.19 13.81
N LEU B 236 -8.96 13.46 13.33
CA LEU B 236 -8.17 12.59 14.19
C LEU B 236 -7.49 13.37 15.31
N LYS B 237 -7.01 14.57 14.99
CA LYS B 237 -6.28 15.37 15.98
C LYS B 237 -7.15 15.87 17.11
N LEU B 238 -8.44 16.03 16.86
CA LEU B 238 -9.37 16.52 17.86
C LEU B 238 -10.01 15.37 18.62
N ASN B 239 -10.15 14.24 17.95
CA ASN B 239 -10.93 13.13 18.45
C ASN B 239 -10.00 12.10 19.06
N HIS B 240 -8.73 12.19 18.67
CA HIS B 240 -7.70 11.35 19.26
C HIS B 240 -6.43 12.17 19.57
N PRO B 241 -6.57 13.17 20.45
CA PRO B 241 -5.49 14.06 20.89
C PRO B 241 -4.21 13.31 21.21
N GLU B 242 -4.38 12.17 21.86
CA GLU B 242 -3.26 11.39 22.38
C GLU B 242 -2.59 10.50 21.33
N SER B 243 -3.36 10.07 20.33
CA SER B 243 -2.87 9.16 19.31
C SER B 243 -1.90 9.90 18.40
N SER B 244 -0.62 9.80 18.71
CA SER B 244 0.39 10.51 17.94
C SER B 244 0.49 9.91 16.54
N GLN B 245 0.47 10.78 15.53
CA GLN B 245 0.69 10.33 14.16
C GLN B 245 -0.34 9.28 13.70
N LEU B 246 -1.58 9.38 14.20
CA LEU B 246 -2.60 8.39 13.86
C LEU B 246 -2.97 8.57 12.40
N PHE B 247 -3.02 9.82 11.99
CA PHE B 247 -3.27 10.16 10.60
C PHE B 247 -2.40 9.32 9.67
N ALA B 248 -1.10 9.37 9.92
CA ALA B 248 -0.13 8.69 9.08
C ALA B 248 -0.25 7.17 9.17
N LYS B 249 -0.70 6.68 10.32
CA LYS B 249 -0.81 5.25 10.52
C LYS B 249 -2.04 4.74 9.76
N LEU B 250 -3.08 5.55 9.78
CA LEU B 250 -4.29 5.26 9.02
C LEU B 250 -3.98 5.15 7.52
N LEU B 251 -3.25 6.13 6.99
CA LEU B 251 -2.84 6.12 5.58
C LEU B 251 -1.98 4.91 5.25
N GLN B 252 -1.11 4.55 6.18
CA GLN B 252 -0.26 3.38 5.98
C GLN B 252 -1.10 2.12 5.85
N LYS B 253 -2.27 2.14 6.48
CA LYS B 253 -3.19 1.01 6.43
C LYS B 253 -3.72 0.74 5.01
N MET B 254 -3.74 1.77 4.16
CA MET B 254 -4.23 1.61 2.79
C MET B 254 -3.39 0.61 2.00
N THR B 255 -2.16 0.39 2.44
CA THR B 255 -1.33 -0.65 1.88
C THR B 255 -1.90 -2.01 2.25
N ASP B 256 -2.34 -2.13 3.49
CA ASP B 256 -2.87 -3.38 3.99
C ASP B 256 -4.17 -3.75 3.28
N LEU B 257 -4.94 -2.74 2.86
CA LEU B 257 -6.20 -2.95 2.14
C LEU B 257 -5.95 -3.45 0.75
N ARG B 258 -5.14 -2.71 0.00
CA ARG B 258 -4.79 -3.05 -1.38
C ARG B 258 -4.10 -4.42 -1.47
N GLN B 259 -3.60 -4.91 -0.35
CA GLN B 259 -3.00 -6.23 -0.32
C GLN B 259 -4.09 -7.27 -0.13
N ILE B 260 -5.08 -6.92 0.69
CA ILE B 260 -6.21 -7.82 0.92
C ILE B 260 -7.04 -7.98 -0.34
N VAL B 261 -7.23 -6.88 -1.05
CA VAL B 261 -7.99 -6.88 -2.30
C VAL B 261 -7.28 -7.72 -3.35
N THR B 262 -6.00 -7.41 -3.58
CA THR B 262 -5.17 -8.15 -4.51
C THR B 262 -5.16 -9.66 -4.20
N GLU B 263 -5.19 -10.02 -2.93
CA GLU B 263 -5.14 -11.42 -2.53
C GLU B 263 -6.50 -12.08 -2.68
N HIS B 264 -7.56 -11.32 -2.44
CA HIS B 264 -8.90 -11.84 -2.55
C HIS B 264 -9.20 -12.16 -4.00
N VAL B 265 -8.69 -11.33 -4.89
CA VAL B 265 -8.82 -11.53 -6.32
C VAL B 265 -8.08 -12.79 -6.75
N GLN B 266 -6.89 -13.00 -6.19
CA GLN B 266 -6.10 -14.18 -6.47
C GLN B 266 -6.78 -15.44 -5.90
N LEU B 267 -7.92 -15.23 -5.24
CA LEU B 267 -8.69 -16.35 -4.70
C LEU B 267 -9.86 -16.70 -5.62
N LEU B 268 -10.69 -15.71 -5.92
CA LEU B 268 -11.82 -15.88 -6.83
C LEU B 268 -11.45 -16.70 -8.05
N GLN B 269 -10.30 -16.39 -8.64
CA GLN B 269 -9.91 -16.94 -9.93
C GLN B 269 -9.64 -18.44 -9.89
N VAL B 270 -9.52 -18.98 -8.68
CA VAL B 270 -9.56 -20.42 -8.51
C VAL B 270 -11.01 -20.86 -8.71
N ILE B 271 -11.65 -20.23 -9.69
CA ILE B 271 -12.96 -20.64 -10.17
C ILE B 271 -12.82 -22.05 -10.71
N LYS B 272 -11.64 -22.62 -10.48
CA LYS B 272 -11.34 -24.00 -10.81
C LYS B 272 -11.90 -24.93 -9.73
N LYS B 273 -13.11 -24.62 -9.29
CA LYS B 273 -13.98 -25.55 -8.58
C LYS B 273 -15.08 -25.89 -9.56
N THR B 274 -15.23 -25.03 -10.56
CA THR B 274 -16.11 -25.23 -11.71
C THR B 274 -17.58 -24.88 -11.46
N GLU B 275 -18.41 -25.11 -12.47
CA GLU B 275 -19.87 -24.99 -12.38
C GLU B 275 -20.33 -23.53 -12.27
N THR B 276 -19.81 -22.68 -13.14
CA THR B 276 -20.05 -21.23 -13.09
C THR B 276 -19.47 -20.67 -11.80
N ASP B 277 -20.24 -20.78 -10.73
CA ASP B 277 -19.75 -20.57 -9.38
C ASP B 277 -20.22 -21.76 -8.56
N MET B 278 -19.84 -22.95 -9.02
CA MET B 278 -20.25 -24.21 -8.42
C MET B 278 -21.76 -24.48 -8.41
N SER B 279 -22.36 -24.35 -9.59
CA SER B 279 -23.71 -24.83 -9.88
C SER B 279 -24.83 -23.80 -9.66
N LEU B 280 -24.53 -22.52 -9.88
CA LEU B 280 -25.59 -21.50 -9.79
C LEU B 280 -26.09 -20.97 -11.14
N HIS B 281 -27.33 -20.46 -11.12
CA HIS B 281 -28.08 -20.05 -12.30
C HIS B 281 -27.39 -18.92 -13.10
N PRO B 282 -27.47 -18.99 -14.45
CA PRO B 282 -26.88 -17.99 -15.33
C PRO B 282 -27.28 -16.56 -14.97
N LEU B 283 -28.50 -16.41 -14.45
CA LEU B 283 -28.97 -15.11 -13.98
C LEU B 283 -28.27 -14.67 -12.70
N LEU B 284 -28.08 -15.62 -11.78
CA LEU B 284 -27.38 -15.33 -10.53
C LEU B 284 -25.93 -15.00 -10.82
N GLN B 285 -25.30 -15.85 -11.62
CA GLN B 285 -23.92 -15.61 -12.03
C GLN B 285 -23.82 -14.16 -12.50
N GLU B 286 -24.84 -13.74 -13.23
CA GLU B 286 -24.89 -12.43 -13.83
C GLU B 286 -25.00 -11.31 -12.79
N ILE B 287 -25.84 -11.52 -11.79
CA ILE B 287 -26.05 -10.52 -10.76
C ILE B 287 -24.80 -10.35 -9.93
N TYR B 288 -24.17 -11.47 -9.61
CA TYR B 288 -22.95 -11.48 -8.81
C TYR B 288 -21.74 -11.42 -9.72
N LYS B 289 -22.00 -11.01 -10.96
CA LYS B 289 -21.00 -10.93 -11.99
C LYS B 289 -19.62 -10.52 -11.46
N ASP B 290 -19.54 -9.35 -10.81
CA ASP B 290 -18.23 -8.76 -10.55
C ASP B 290 -18.02 -8.36 -9.10
N LEU B 291 -18.15 -7.06 -8.83
CA LEU B 291 -17.83 -6.47 -7.54
C LEU B 291 -18.93 -6.69 -6.50
N1 ET0 C . 16.62 -4.14 -10.64
C4 ET0 C . 16.77 -4.69 -11.91
C5 ET0 C . 17.69 -7.66 -7.68
C6 ET0 C . 17.48 -6.73 -13.02
C7 ET0 C . 17.96 -7.65 -10.19
C8 ET0 C . 16.50 -4.14 -13.15
C10 ET0 C . 17.21 -6.15 -14.28
O2 ET0 C . 17.89 -6.94 -6.68
O1 ET0 C . 16.69 -8.41 -7.77
C9 ET0 C . 18.67 -7.61 -8.85
C2 ET0 C . 17.43 -6.28 -10.54
C3 ET0 C . 17.03 -5.16 -9.80
C1 ET0 C . 17.25 -5.96 -11.88
C11 ET0 C . 16.72 -4.84 -14.33
O3 ET0 C . 17.43 -6.84 -15.44
C12 ET0 C . 17.10 -6.24 -16.70
C1 GLC D . -22.66 -13.03 5.06
C2 GLC D . -21.51 -14.07 4.82
C3 GLC D . -20.29 -13.92 5.76
C4 GLC D . -19.95 -12.40 5.68
C5 GLC D . -21.12 -11.62 6.34
C6 GLC D . -20.77 -10.10 6.40
O1 GLC D . -23.68 -13.60 5.78
O2 GLC D . -22.03 -15.36 4.91
O3 GLC D . -19.23 -14.65 5.26
O4 GLC D . -18.77 -12.16 6.39
O5 GLC D . -22.29 -11.76 5.56
O6 GLC D . -21.76 -9.47 7.16
#